data_9B1O
#
_entry.id   9B1O
#
_cell.length_a   1.00
_cell.length_b   1.00
_cell.length_c   1.00
_cell.angle_alpha   90.00
_cell.angle_beta   90.00
_cell.angle_gamma   90.00
#
_symmetry.space_group_name_H-M   'P 1'
#
loop_
_entity.id
_entity.type
_entity.pdbx_description
1 polymer 'Solute carrier family 22 member 12'
2 non-polymer 2-acetamido-2-deoxy-beta-D-glucopyranose
3 non-polymer 'PYRAZINE-2-CARBOXYLIC ACID'
#
_entity_poly.entity_id   1
_entity_poly.type   'polypeptide(L)'
_entity_poly.pdbx_seq_one_letter_code
;FSELLDLVGGLGRFQVLQTMALMVSIMWLCTQSMLENFSAAVPSHRCWAPLLDNSTAVSTSLSPEALLAISIPPGPNQRP
HQCRRFRQPQWQLLDPNATATSWSEADTEPCVDGWVYDRSIFTSTIVAKWNLVCDSHALKPMAQSIYLAGILVGAAACGP
ASDRFGRRLVLTWSYLQMAVMGTAAAFAPAFPVYCLFRFLLAFAVAGVMMNTGTLLMEWTAARARPLVMTLNSLGFSFGH
GLTAAVAYGVRDWTLLQLVVSVPFFLCFLYSWWLPESARWLIIKGKPDQALQELRKVARINGHKEAKNLTIEVLMSSVKE
EVASAKEPRSVLDLFCVPGLRFRTCISTLCWFAFGFTFFGLALDLQALGSNIFLLQMFIGVVDIPAKMGALLLLSHLGRR
PTLAASLLLAGLCILANTLVPHEMGALRSALAVLGLGGVGAAFTCITIYSSELFPTVLRMTAVGLGQMAARGGAILGPLV
RLLGVHGPWLPLLVYGTVPVLSGLAALLLPETQSLPLPDTIQDVQNQAVKKATHGTLGNSVLKSTQF
;
_entity_poly.pdbx_strand_id   A
#
loop_
_chem_comp.id
_chem_comp.type
_chem_comp.name
_chem_comp.formula
NAG D-saccharide, beta linking 2-acetamido-2-deoxy-beta-D-glucopyranose 'C8 H15 N O6'
VGL non-polymer 'PYRAZINE-2-CARBOXYLIC ACID' 'C5 H4 N2 O2'
#
# COMPACT_ATOMS: atom_id res chain seq x y z
N PHE A 1 27.31 -19.57 -6.79
CA PHE A 1 26.08 -20.30 -7.23
C PHE A 1 25.87 -20.22 -8.75
N SER A 2 26.29 -19.12 -9.36
CA SER A 2 25.85 -18.78 -10.69
C SER A 2 26.14 -19.85 -11.72
N GLU A 3 27.19 -20.66 -11.50
CA GLU A 3 27.53 -21.68 -12.50
C GLU A 3 26.38 -22.66 -12.68
N LEU A 4 25.69 -23.01 -11.59
CA LEU A 4 24.57 -23.93 -11.69
C LEU A 4 23.44 -23.32 -12.51
N LEU A 5 23.13 -22.04 -12.30
CA LEU A 5 22.08 -21.40 -13.09
C LEU A 5 22.48 -21.33 -14.56
N ASP A 6 23.74 -21.02 -14.84
CA ASP A 6 24.19 -20.97 -16.23
C ASP A 6 24.12 -22.35 -16.88
N LEU A 7 24.32 -23.40 -16.10
CA LEU A 7 24.20 -24.76 -16.63
C LEU A 7 22.74 -25.16 -16.78
N VAL A 8 21.85 -24.58 -15.98
CA VAL A 8 20.43 -24.90 -16.03
C VAL A 8 19.63 -23.91 -16.86
N GLY A 9 20.22 -22.75 -17.20
CA GLY A 9 19.48 -21.69 -17.88
C GLY A 9 19.11 -20.59 -16.92
N GLY A 10 19.85 -19.48 -16.98
CA GLY A 10 19.70 -18.43 -16.00
C GLY A 10 18.60 -17.43 -16.25
N LEU A 11 18.14 -17.28 -17.49
CA LEU A 11 16.99 -16.43 -17.78
C LEU A 11 16.10 -17.08 -18.84
N GLY A 12 15.84 -18.37 -18.69
CA GLY A 12 15.16 -19.14 -19.71
C GLY A 12 13.65 -19.05 -19.63
N ARG A 13 12.99 -19.98 -20.34
CA ARG A 13 11.54 -20.03 -20.36
C ARG A 13 10.97 -20.09 -18.95
N PHE A 14 11.62 -20.82 -18.05
CA PHE A 14 11.11 -20.93 -16.68
C PHE A 14 11.09 -19.57 -15.99
N GLN A 15 12.19 -18.83 -16.06
CA GLN A 15 12.23 -17.56 -15.35
C GLN A 15 11.23 -16.58 -15.93
N VAL A 16 10.96 -16.67 -17.24
CA VAL A 16 9.94 -15.82 -17.85
C VAL A 16 8.56 -16.17 -17.29
N LEU A 17 8.21 -17.46 -17.32
CA LEU A 17 6.91 -17.85 -16.82
C LEU A 17 6.76 -17.51 -15.34
N GLN A 18 7.83 -17.70 -14.57
CA GLN A 18 7.79 -17.40 -13.14
C GLN A 18 7.60 -15.91 -12.88
N THR A 19 8.32 -15.07 -13.62
CA THR A 19 8.18 -13.64 -13.43
C THR A 19 6.76 -13.19 -13.75
N MET A 20 6.19 -13.70 -14.85
CA MET A 20 4.81 -13.34 -15.19
C MET A 20 3.86 -13.78 -14.08
N ALA A 21 3.98 -15.04 -13.66
CA ALA A 21 3.05 -15.61 -12.68
C ALA A 21 3.13 -14.90 -11.34
N LEU A 22 4.31 -14.36 -11.00
CA LEU A 22 4.44 -13.65 -9.72
C LEU A 22 4.01 -12.19 -9.83
N MET A 23 4.25 -11.55 -10.98
CA MET A 23 3.78 -10.18 -11.18
C MET A 23 2.26 -10.10 -11.10
N VAL A 24 1.57 -11.08 -11.68
CA VAL A 24 0.11 -11.02 -11.66
C VAL A 24 -0.41 -11.04 -10.22
N SER A 25 0.20 -11.87 -9.37
CA SER A 25 -0.17 -11.91 -7.97
C SER A 25 0.13 -10.60 -7.28
N ILE A 26 1.24 -9.95 -7.63
CA ILE A 26 1.53 -8.66 -7.01
C ILE A 26 0.49 -7.62 -7.41
N MET A 27 0.01 -7.67 -8.66
CA MET A 27 -1.06 -6.76 -9.06
C MET A 27 -2.29 -6.91 -8.16
N TRP A 28 -2.76 -8.14 -8.00
CA TRP A 28 -3.95 -8.32 -7.16
C TRP A 28 -3.66 -7.94 -5.70
N LEU A 29 -2.45 -8.24 -5.23
CA LEU A 29 -2.07 -7.88 -3.88
C LEU A 29 -2.14 -6.37 -3.68
N CYS A 30 -1.73 -5.60 -4.69
CA CYS A 30 -1.84 -4.14 -4.61
C CYS A 30 -3.29 -3.71 -4.52
N THR A 31 -4.18 -4.38 -5.26
CA THR A 31 -5.59 -4.00 -5.12
C THR A 31 -6.06 -4.21 -3.70
N GLN A 32 -5.60 -5.27 -3.03
CA GLN A 32 -6.06 -5.49 -1.66
C GLN A 32 -5.75 -4.29 -0.77
N SER A 33 -4.56 -3.70 -0.92
CA SER A 33 -4.19 -2.56 -0.08
C SER A 33 -4.98 -1.31 -0.48
N MET A 34 -5.09 -1.06 -1.78
CA MET A 34 -5.72 0.18 -2.24
C MET A 34 -7.24 0.13 -2.12
N LEU A 35 -7.82 -1.02 -1.78
CA LEU A 35 -9.27 -1.19 -1.84
C LEU A 35 -10.03 -0.14 -1.04
N GLU A 36 -9.51 0.24 0.12
CA GLU A 36 -10.33 1.05 1.03
C GLU A 36 -10.42 2.51 0.62
N ASN A 37 -9.95 2.86 -0.58
CA ASN A 37 -10.42 4.07 -1.22
C ASN A 37 -11.87 3.93 -1.67
N PHE A 38 -12.28 2.71 -1.97
CA PHE A 38 -13.59 2.41 -2.53
C PHE A 38 -14.45 1.62 -1.58
N SER A 39 -13.90 0.54 -1.02
CA SER A 39 -14.63 -0.24 -0.02
C SER A 39 -15.03 0.62 1.17
N ALA A 40 -14.25 1.64 1.50
CA ALA A 40 -14.54 2.53 2.64
C ALA A 40 -14.69 3.97 2.21
N ALA A 41 -15.26 4.21 1.03
CA ALA A 41 -15.59 5.56 0.62
C ALA A 41 -16.69 6.13 1.49
N VAL A 42 -16.62 7.44 1.73
CA VAL A 42 -17.59 8.13 2.58
C VAL A 42 -18.65 8.80 1.71
N PRO A 43 -19.82 8.20 1.52
CA PRO A 43 -20.90 8.91 0.83
C PRO A 43 -21.48 10.00 1.71
N SER A 44 -21.95 11.07 1.05
CA SER A 44 -22.51 12.20 1.78
C SER A 44 -23.76 11.77 2.53
N HIS A 45 -23.97 12.36 3.72
CA HIS A 45 -24.94 11.81 4.64
C HIS A 45 -25.59 12.91 5.49
N ARG A 46 -26.72 12.55 6.08
CA ARG A 46 -27.51 13.41 6.95
C ARG A 46 -28.31 12.53 7.89
N CYS A 47 -28.94 13.15 8.88
CA CYS A 47 -29.83 12.40 9.76
C CYS A 47 -31.10 11.99 9.03
N TRP A 48 -31.67 10.86 9.46
CA TRP A 48 -33.03 10.48 9.10
C TRP A 48 -34.02 11.42 9.78
N ALA A 49 -35.05 11.85 9.04
CA ALA A 49 -36.04 12.74 9.63
C ALA A 49 -37.43 12.47 9.06
N PRO A 50 -38.48 12.61 9.88
CA PRO A 50 -39.82 12.22 9.42
C PRO A 50 -40.28 12.85 8.13
N LEU A 51 -40.15 14.18 7.99
CA LEU A 51 -40.70 14.84 6.82
C LEU A 51 -39.99 14.45 5.53
N LEU A 52 -38.77 13.92 5.64
CA LEU A 52 -37.98 13.54 4.48
C LEU A 52 -38.04 12.06 4.17
N ASP A 53 -38.09 11.19 5.19
CA ASP A 53 -37.79 9.78 5.02
C ASP A 53 -38.89 8.82 5.42
N ASN A 54 -39.98 9.29 6.03
CA ASN A 54 -41.11 8.43 6.37
C ASN A 54 -41.96 8.25 5.13
N SER A 55 -41.71 7.17 4.40
CA SER A 55 -42.39 6.94 3.12
C SER A 55 -43.88 6.67 3.30
N THR A 56 -44.34 6.36 4.51
CA THR A 56 -45.75 6.10 4.75
C THR A 56 -46.54 7.36 5.06
N ALA A 57 -45.88 8.51 5.20
CA ALA A 57 -46.54 9.74 5.60
C ALA A 57 -47.25 10.41 4.43
N VAL A 58 -48.15 11.33 4.76
CA VAL A 58 -48.93 12.07 3.77
C VAL A 58 -48.04 13.07 3.05
N SER A 59 -48.29 13.23 1.75
CA SER A 59 -47.48 14.09 0.90
C SER A 59 -47.88 15.57 1.07
N THR A 60 -47.06 16.45 0.49
CA THR A 60 -47.26 17.89 0.56
C THR A 60 -46.89 18.53 -0.77
N SER A 61 -47.19 19.82 -0.89
CA SER A 61 -46.85 20.61 -2.07
C SER A 61 -45.41 21.08 -2.07
N LEU A 62 -44.66 20.87 -0.99
CA LEU A 62 -43.31 21.39 -0.88
C LEU A 62 -42.33 20.56 -1.70
N SER A 63 -41.26 21.22 -2.16
CA SER A 63 -40.19 20.57 -2.89
C SER A 63 -39.20 19.90 -1.94
N PRO A 64 -38.37 18.98 -2.43
CA PRO A 64 -37.37 18.37 -1.56
C PRO A 64 -36.43 19.37 -0.90
N GLU A 65 -36.04 20.42 -1.63
CA GLU A 65 -35.14 21.40 -1.05
C GLU A 65 -35.83 22.17 0.08
N ALA A 66 -37.13 22.46 -0.07
CA ALA A 66 -37.87 23.12 1.00
C ALA A 66 -37.93 22.25 2.24
N LEU A 67 -38.28 20.98 2.08
CA LEU A 67 -38.35 20.08 3.22
C LEU A 67 -36.99 19.95 3.89
N LEU A 68 -35.92 19.83 3.08
CA LEU A 68 -34.58 19.69 3.62
C LEU A 68 -34.18 20.92 4.43
N ALA A 69 -34.48 22.11 3.91
CA ALA A 69 -34.19 23.32 4.68
C ALA A 69 -35.02 23.34 5.96
N ILE A 70 -36.24 22.81 5.90
CA ILE A 70 -37.10 22.78 7.06
C ILE A 70 -36.60 21.80 8.12
N SER A 71 -35.78 20.81 7.75
CA SER A 71 -35.53 19.70 8.68
C SER A 71 -34.09 19.54 9.15
N ILE A 72 -33.07 19.86 8.37
CA ILE A 72 -31.67 19.69 8.77
C ILE A 72 -30.97 21.04 8.70
N PRO A 73 -30.25 21.46 9.73
CA PRO A 73 -29.64 22.80 9.73
C PRO A 73 -28.42 22.88 8.81
N PRO A 74 -28.00 24.10 8.46
CA PRO A 74 -26.83 24.26 7.59
C PRO A 74 -25.51 24.06 8.32
N GLY A 75 -24.55 23.46 7.61
CA GLY A 75 -23.20 23.31 8.10
C GLY A 75 -22.24 24.29 7.44
N PRO A 76 -20.97 24.25 7.84
CA PRO A 76 -20.01 25.24 7.34
C PRO A 76 -19.84 25.26 5.84
N ASN A 77 -19.98 24.11 5.18
CA ASN A 77 -19.61 24.00 3.77
C ASN A 77 -20.77 24.37 2.85
N GLN A 78 -21.65 25.26 3.33
CA GLN A 78 -22.81 25.70 2.55
C GLN A 78 -23.69 24.53 2.17
N ARG A 79 -23.76 23.53 3.03
CA ARG A 79 -24.47 22.29 2.77
C ARG A 79 -25.08 21.78 4.06
N PRO A 80 -26.02 20.83 3.97
CA PRO A 80 -26.66 20.32 5.19
C PRO A 80 -25.66 19.77 6.20
N HIS A 81 -25.99 19.96 7.47
CA HIS A 81 -25.15 19.44 8.54
C HIS A 81 -25.20 17.93 8.55
N GLN A 82 -24.03 17.30 8.70
CA GLN A 82 -23.91 15.86 8.61
C GLN A 82 -24.22 15.12 9.91
N CYS A 83 -24.43 15.84 11.01
CA CYS A 83 -24.54 15.20 12.31
C CYS A 83 -25.65 15.75 13.20
N ARG A 84 -26.52 16.62 12.68
CA ARG A 84 -27.54 17.26 13.50
C ARG A 84 -28.84 17.38 12.70
N ARG A 85 -29.96 17.47 13.43
CA ARG A 85 -31.26 17.74 12.84
C ARG A 85 -32.07 18.59 13.80
N PHE A 86 -33.09 19.27 13.26
CA PHE A 86 -33.94 20.11 14.10
C PHE A 86 -34.87 19.25 14.94
N ARG A 87 -35.06 19.66 16.20
CA ARG A 87 -35.90 18.90 17.12
C ARG A 87 -37.35 18.91 16.67
N GLN A 88 -37.81 20.04 16.12
CA GLN A 88 -39.14 20.14 15.53
C GLN A 88 -39.01 20.88 14.20
N PRO A 89 -39.83 20.55 13.20
CA PRO A 89 -39.66 21.20 11.89
C PRO A 89 -39.72 22.71 11.99
N GLN A 90 -38.77 23.36 11.31
CA GLN A 90 -38.64 24.82 11.34
C GLN A 90 -39.42 25.41 10.16
N TRP A 91 -40.75 25.41 10.31
CA TRP A 91 -41.60 26.02 9.29
C TRP A 91 -41.24 27.49 9.11
N GLN A 92 -40.81 28.16 10.19
CA GLN A 92 -40.47 29.58 10.12
C GLN A 92 -39.26 29.85 9.25
N LEU A 93 -38.45 28.83 8.97
CA LEU A 93 -37.22 28.99 8.21
C LEU A 93 -37.41 28.84 6.71
N LEU A 94 -38.64 28.58 6.27
CA LEU A 94 -38.91 28.39 4.83
C LEU A 94 -38.89 29.72 4.08
N ASP A 95 -39.33 30.80 4.73
CA ASP A 95 -39.43 32.07 4.04
C ASP A 95 -38.03 32.65 3.80
N PRO A 96 -37.79 33.28 2.64
CA PRO A 96 -36.46 33.87 2.41
C PRO A 96 -36.18 35.07 3.28
N ASN A 97 -37.17 35.60 3.99
CA ASN A 97 -36.96 36.73 4.90
C ASN A 97 -36.47 36.28 6.27
N ALA A 98 -36.31 34.98 6.50
CA ALA A 98 -35.88 34.47 7.79
C ALA A 98 -34.39 34.74 8.02
N THR A 99 -33.99 34.64 9.28
CA THR A 99 -32.62 34.89 9.70
C THR A 99 -32.09 33.73 10.52
N ALA A 100 -30.76 33.59 10.52
CA ALA A 100 -30.11 32.54 11.30
C ALA A 100 -30.32 32.72 12.80
N THR A 101 -30.72 33.91 13.24
CA THR A 101 -30.98 34.15 14.65
C THR A 101 -32.34 33.62 15.09
N SER A 102 -33.13 33.10 14.16
CA SER A 102 -34.47 32.62 14.50
C SER A 102 -34.47 31.29 15.23
N TRP A 103 -33.33 30.61 15.33
CA TRP A 103 -33.27 29.34 16.02
C TRP A 103 -31.97 29.23 16.80
N SER A 104 -31.95 28.31 17.77
CA SER A 104 -30.86 28.17 18.71
C SER A 104 -30.39 26.72 18.75
N GLU A 105 -29.19 26.53 19.33
CA GLU A 105 -28.60 25.20 19.37
C GLU A 105 -29.50 24.22 20.11
N ALA A 106 -30.28 24.70 21.09
CA ALA A 106 -31.18 23.82 21.81
C ALA A 106 -32.26 23.25 20.89
N ASP A 107 -32.51 23.88 19.75
CA ASP A 107 -33.49 23.39 18.79
C ASP A 107 -32.95 22.26 17.92
N THR A 108 -31.73 21.78 18.17
CA THR A 108 -31.13 20.73 17.38
C THR A 108 -30.80 19.54 18.26
N GLU A 109 -30.75 18.36 17.63
CA GLU A 109 -30.40 17.12 18.30
C GLU A 109 -29.57 16.27 17.34
N PRO A 110 -28.78 15.33 17.86
CA PRO A 110 -28.07 14.40 16.99
C PRO A 110 -29.02 13.38 16.38
N CYS A 111 -28.45 12.55 15.51
CA CYS A 111 -29.24 11.65 14.66
C CYS A 111 -29.76 10.49 15.52
N VAL A 112 -30.84 10.77 16.24
CA VAL A 112 -31.44 9.75 17.09
C VAL A 112 -31.93 8.58 16.24
N ASP A 113 -32.49 8.85 15.07
CA ASP A 113 -33.01 7.82 14.19
C ASP A 113 -32.00 7.32 13.17
N GLY A 114 -30.73 7.67 13.31
CA GLY A 114 -29.71 7.20 12.40
C GLY A 114 -29.58 8.04 11.14
N TRP A 115 -28.75 7.55 10.23
CA TRP A 115 -28.30 8.32 9.08
C TRP A 115 -28.90 7.82 7.78
N VAL A 116 -28.87 8.69 6.77
CA VAL A 116 -29.26 8.40 5.41
C VAL A 116 -28.09 8.75 4.49
N TYR A 117 -27.76 7.88 3.56
CA TYR A 117 -26.55 8.00 2.76
C TYR A 117 -26.86 8.10 1.27
N ASP A 118 -25.99 8.81 0.57
CA ASP A 118 -26.10 8.99 -0.88
C ASP A 118 -25.63 7.72 -1.59
N ARG A 119 -26.55 7.05 -2.27
CA ARG A 119 -26.25 5.79 -2.94
C ARG A 119 -25.93 5.96 -4.42
N SER A 120 -25.68 7.19 -4.88
CA SER A 120 -25.58 7.39 -6.32
C SER A 120 -24.24 6.93 -6.89
N ILE A 121 -23.16 6.99 -6.10
CA ILE A 121 -21.85 6.57 -6.58
C ILE A 121 -21.53 5.15 -6.14
N PHE A 122 -21.78 4.82 -4.88
CA PHE A 122 -21.55 3.48 -4.35
C PHE A 122 -22.83 2.94 -3.72
N THR A 123 -23.10 1.66 -3.99
CA THR A 123 -24.30 1.02 -3.46
C THR A 123 -24.16 0.68 -1.97
N SER A 124 -22.95 0.36 -1.52
CA SER A 124 -22.70 0.18 -0.10
C SER A 124 -21.21 0.31 0.18
N THR A 125 -20.88 0.81 1.37
CA THR A 125 -19.51 0.88 1.86
C THR A 125 -19.51 0.61 3.35
N ILE A 126 -18.35 0.25 3.90
CA ILE A 126 -18.32 -0.09 5.33
C ILE A 126 -18.74 1.11 6.17
N VAL A 127 -18.43 2.31 5.69
CA VAL A 127 -18.84 3.52 6.39
C VAL A 127 -20.35 3.58 6.54
N ALA A 128 -21.07 3.24 5.46
CA ALA A 128 -22.52 3.23 5.53
C ALA A 128 -23.04 2.04 6.32
N LYS A 129 -22.30 0.93 6.33
CA LYS A 129 -22.81 -0.26 7.00
C LYS A 129 -22.77 -0.12 8.51
N TRP A 130 -21.66 0.40 9.05
CA TRP A 130 -21.51 0.49 10.50
C TRP A 130 -21.50 1.93 10.99
N ASN A 131 -21.95 2.88 10.17
CA ASN A 131 -22.10 4.27 10.57
C ASN A 131 -20.81 4.81 11.17
N LEU A 132 -19.73 4.69 10.41
CA LEU A 132 -18.44 5.21 10.85
C LEU A 132 -18.36 6.71 10.54
N VAL A 133 -19.30 7.48 11.09
CA VAL A 133 -19.42 8.90 10.80
C VAL A 133 -19.64 9.68 12.10
N CYS A 134 -19.44 11.00 12.01
CA CYS A 134 -19.68 11.93 13.11
C CYS A 134 -18.82 11.51 14.30
N ASP A 135 -19.38 11.24 15.48
CA ASP A 135 -18.55 10.91 16.63
C ASP A 135 -17.66 9.70 16.35
N SER A 136 -18.08 8.85 15.40
CA SER A 136 -17.36 7.64 15.08
C SER A 136 -16.37 7.82 13.94
N HIS A 137 -16.15 9.06 13.48
CA HIS A 137 -15.40 9.25 12.25
C HIS A 137 -13.99 8.68 12.35
N ALA A 138 -13.43 8.60 13.56
CA ALA A 138 -12.06 8.15 13.70
C ALA A 138 -11.87 6.69 13.33
N LEU A 139 -12.95 5.91 13.23
CA LEU A 139 -12.81 4.46 13.10
C LEU A 139 -12.32 4.06 11.71
N LYS A 140 -12.51 4.89 10.69
CA LYS A 140 -12.00 4.55 9.37
C LYS A 140 -10.47 4.55 9.34
N PRO A 141 -9.80 5.67 9.66
CA PRO A 141 -8.33 5.63 9.69
C PRO A 141 -7.80 4.63 10.70
N MET A 142 -8.55 4.32 11.76
CA MET A 142 -8.14 3.26 12.67
C MET A 142 -8.11 1.91 11.96
N ALA A 143 -9.13 1.65 11.13
CA ALA A 143 -9.14 0.39 10.39
C ALA A 143 -7.95 0.31 9.45
N GLN A 144 -7.65 1.41 8.75
CA GLN A 144 -6.51 1.40 7.85
C GLN A 144 -5.21 1.21 8.62
N SER A 145 -5.08 1.83 9.79
CA SER A 145 -3.89 1.67 10.60
C SER A 145 -3.74 0.23 11.08
N ILE A 146 -4.86 -0.42 11.41
CA ILE A 146 -4.80 -1.81 11.86
C ILE A 146 -4.31 -2.71 10.73
N TYR A 147 -4.79 -2.48 9.51
CA TYR A 147 -4.28 -3.25 8.37
C TYR A 147 -2.77 -3.05 8.20
N LEU A 148 -2.30 -1.81 8.26
CA LEU A 148 -0.87 -1.57 8.06
C LEU A 148 -0.03 -2.14 9.22
N ALA A 149 -0.56 -2.09 10.44
CA ALA A 149 0.09 -2.76 11.56
C ALA A 149 0.15 -4.26 11.33
N GLY A 150 -0.86 -4.82 10.67
CA GLY A 150 -0.78 -6.21 10.27
C GLY A 150 0.38 -6.45 9.34
N ILE A 151 0.64 -5.52 8.42
CA ILE A 151 1.80 -5.72 7.54
C ILE A 151 3.09 -5.71 8.35
N LEU A 152 3.22 -4.79 9.31
CA LEU A 152 4.44 -4.76 10.12
C LEU A 152 4.63 -6.05 10.90
N VAL A 153 3.58 -6.51 11.59
CA VAL A 153 3.70 -7.72 12.41
C VAL A 153 3.97 -8.94 11.54
N GLY A 154 3.30 -9.02 10.38
CA GLY A 154 3.53 -10.12 9.48
C GLY A 154 4.93 -10.15 8.93
N ALA A 155 5.49 -8.97 8.62
CA ALA A 155 6.87 -8.93 8.14
C ALA A 155 7.83 -9.34 9.25
N ALA A 156 7.53 -8.98 10.50
CA ALA A 156 8.39 -9.42 11.60
C ALA A 156 8.36 -10.94 11.72
N ALA A 157 7.18 -11.56 11.60
CA ALA A 157 7.11 -13.00 11.72
C ALA A 157 7.61 -13.74 10.47
N CYS A 158 7.66 -13.07 9.33
CA CYS A 158 7.97 -13.75 8.07
C CYS A 158 9.42 -14.22 8.04
N GLY A 159 10.34 -13.45 8.60
CA GLY A 159 11.74 -13.75 8.53
C GLY A 159 12.05 -15.13 9.08
N PRO A 160 11.79 -15.31 10.38
CA PRO A 160 12.02 -16.64 10.97
C PRO A 160 11.30 -17.76 10.23
N ALA A 161 10.05 -17.53 9.84
CA ALA A 161 9.28 -18.58 9.18
C ALA A 161 9.86 -18.89 7.81
N SER A 162 10.23 -17.85 7.05
CA SER A 162 10.78 -18.09 5.74
C SER A 162 12.11 -18.83 5.82
N ASP A 163 12.96 -18.47 6.79
CA ASP A 163 14.24 -19.16 6.93
C ASP A 163 14.05 -20.60 7.40
N ARG A 164 13.06 -20.85 8.24
CA ARG A 164 12.93 -22.17 8.86
C ARG A 164 12.15 -23.15 7.98
N PHE A 165 11.12 -22.69 7.29
CA PHE A 165 10.23 -23.58 6.55
C PHE A 165 10.38 -23.50 5.04
N GLY A 166 10.99 -22.47 4.52
CA GLY A 166 11.30 -22.39 3.11
C GLY A 166 10.57 -21.26 2.43
N ARG A 167 11.17 -20.74 1.35
CA ARG A 167 10.57 -19.60 0.67
C ARG A 167 9.23 -19.96 0.03
N ARG A 168 9.20 -21.03 -0.77
CA ARG A 168 7.98 -21.36 -1.51
C ARG A 168 6.87 -21.82 -0.57
N LEU A 169 7.20 -22.52 0.51
CA LEU A 169 6.16 -23.02 1.39
C LEU A 169 5.44 -21.87 2.11
N VAL A 170 6.21 -20.91 2.61
CA VAL A 170 5.59 -19.76 3.24
C VAL A 170 4.83 -18.93 2.21
N LEU A 171 5.33 -18.84 0.98
CA LEU A 171 4.57 -18.14 -0.06
C LEU A 171 3.22 -18.83 -0.33
N THR A 172 3.24 -20.16 -0.38
CA THR A 172 2.02 -20.92 -0.61
C THR A 172 0.97 -20.64 0.44
N TRP A 173 1.35 -20.81 1.71
CA TRP A 173 0.35 -20.64 2.75
C TRP A 173 -0.01 -19.17 2.94
N SER A 174 0.85 -18.24 2.53
CA SER A 174 0.45 -16.84 2.49
C SER A 174 -0.64 -16.60 1.47
N TYR A 175 -0.52 -17.19 0.28
CA TYR A 175 -1.61 -17.05 -0.69
C TYR A 175 -2.91 -17.59 -0.12
N LEU A 176 -2.86 -18.77 0.50
CA LEU A 176 -4.11 -19.34 1.03
C LEU A 176 -4.70 -18.46 2.10
N GLN A 177 -3.86 -17.93 3.01
CA GLN A 177 -4.40 -17.09 4.07
C GLN A 177 -4.97 -15.81 3.52
N MET A 178 -4.37 -15.23 2.48
CA MET A 178 -4.97 -14.06 1.85
C MET A 178 -6.33 -14.37 1.29
N ALA A 179 -6.45 -15.49 0.58
CA ALA A 179 -7.74 -15.86 0.01
C ALA A 179 -8.79 -15.98 1.11
N VAL A 180 -8.47 -16.77 2.15
CA VAL A 180 -9.45 -17.08 3.18
C VAL A 180 -9.84 -15.82 3.95
N MET A 181 -8.84 -15.05 4.38
CA MET A 181 -9.14 -13.90 5.22
C MET A 181 -9.81 -12.78 4.44
N GLY A 182 -9.47 -12.58 3.17
CA GLY A 182 -10.22 -11.62 2.37
C GLY A 182 -11.66 -12.04 2.19
N THR A 183 -11.89 -13.32 1.88
CA THR A 183 -13.25 -13.79 1.74
C THR A 183 -14.03 -13.60 3.04
N ALA A 184 -13.38 -13.84 4.18
CA ALA A 184 -14.04 -13.66 5.46
C ALA A 184 -14.33 -12.19 5.74
N ALA A 185 -13.39 -11.31 5.38
CA ALA A 185 -13.62 -9.88 5.58
C ALA A 185 -14.79 -9.40 4.76
N ALA A 186 -15.00 -9.97 3.57
CA ALA A 186 -16.13 -9.55 2.76
C ALA A 186 -17.47 -9.83 3.44
N PHE A 187 -17.54 -10.80 4.35
CA PHE A 187 -18.80 -11.20 4.97
C PHE A 187 -18.82 -10.97 6.47
N ALA A 188 -18.02 -10.04 6.97
CA ALA A 188 -17.90 -9.82 8.40
C ALA A 188 -19.23 -9.33 8.98
N PRO A 189 -19.66 -9.84 10.14
CA PRO A 189 -20.95 -9.39 10.70
C PRO A 189 -20.87 -8.11 11.51
N ALA A 190 -19.68 -7.70 11.97
CA ALA A 190 -19.55 -6.55 12.84
C ALA A 190 -18.20 -5.91 12.61
N PHE A 191 -18.08 -4.64 12.97
CA PHE A 191 -16.88 -3.89 12.64
C PHE A 191 -15.63 -4.45 13.32
N PRO A 192 -15.65 -4.79 14.61
CA PRO A 192 -14.44 -5.40 15.20
C PRO A 192 -13.98 -6.62 14.44
N VAL A 193 -14.92 -7.44 13.98
CA VAL A 193 -14.57 -8.65 13.24
C VAL A 193 -13.97 -8.30 11.88
N TYR A 194 -14.49 -7.25 11.23
CA TYR A 194 -13.90 -6.78 9.98
C TYR A 194 -12.46 -6.35 10.20
N CYS A 195 -12.21 -5.61 11.29
CA CYS A 195 -10.84 -5.20 11.58
C CYS A 195 -9.94 -6.42 11.79
N LEU A 196 -10.44 -7.42 12.52
CA LEU A 196 -9.62 -8.60 12.79
C LEU A 196 -9.25 -9.31 11.50
N PHE A 197 -10.22 -9.48 10.59
CA PHE A 197 -9.90 -10.21 9.37
C PHE A 197 -9.03 -9.38 8.42
N ARG A 198 -9.17 -8.06 8.43
CA ARG A 198 -8.24 -7.25 7.64
C ARG A 198 -6.82 -7.35 8.20
N PHE A 199 -6.68 -7.39 9.53
CA PHE A 199 -5.35 -7.57 10.12
C PHE A 199 -4.74 -8.91 9.71
N LEU A 200 -5.54 -9.98 9.78
CA LEU A 200 -5.00 -11.28 9.45
C LEU A 200 -4.75 -11.43 7.95
N LEU A 201 -5.45 -10.65 7.12
CA LEU A 201 -5.12 -10.58 5.70
C LEU A 201 -3.79 -9.87 5.46
N ALA A 202 -3.58 -8.75 6.16
CA ALA A 202 -2.32 -8.03 6.02
C ALA A 202 -1.12 -8.86 6.47
N PHE A 203 -1.32 -9.63 7.54
CA PHE A 203 -0.29 -10.53 8.03
C PHE A 203 0.24 -11.44 6.93
N ALA A 204 -0.64 -11.84 6.00
CA ALA A 204 -0.25 -12.68 4.88
C ALA A 204 0.27 -11.87 3.70
N VAL A 205 -0.25 -10.65 3.53
CA VAL A 205 0.24 -9.78 2.48
C VAL A 205 1.74 -9.57 2.62
N ALA A 206 2.20 -9.39 3.87
CA ALA A 206 3.63 -9.22 4.09
C ALA A 206 4.41 -10.42 3.60
N GLY A 207 3.90 -11.63 3.87
CA GLY A 207 4.60 -12.83 3.44
C GLY A 207 4.70 -12.91 1.93
N VAL A 208 3.61 -12.62 1.23
CA VAL A 208 3.66 -12.66 -0.23
C VAL A 208 4.70 -11.67 -0.74
N MET A 209 4.68 -10.44 -0.20
CA MET A 209 5.61 -9.43 -0.68
C MET A 209 7.05 -9.89 -0.51
N MET A 210 7.40 -10.37 0.68
CA MET A 210 8.80 -10.70 0.91
C MET A 210 9.25 -11.89 0.08
N ASN A 211 8.45 -12.97 0.08
CA ASN A 211 8.93 -14.19 -0.56
C ASN A 211 8.85 -14.12 -2.08
N THR A 212 7.98 -13.29 -2.66
CA THR A 212 7.99 -13.13 -4.10
C THR A 212 9.33 -12.60 -4.59
N GLY A 213 9.79 -11.50 -3.97
CA GLY A 213 11.10 -10.97 -4.31
C GLY A 213 12.23 -11.94 -4.05
N THR A 214 12.22 -12.57 -2.87
CA THR A 214 13.31 -13.47 -2.52
C THR A 214 13.39 -14.64 -3.50
N LEU A 215 12.25 -15.25 -3.81
CA LEU A 215 12.23 -16.42 -4.67
C LEU A 215 12.49 -16.06 -6.12
N LEU A 216 12.28 -14.80 -6.52
CA LEU A 216 12.78 -14.40 -7.83
C LEU A 216 14.29 -14.26 -7.81
N MET A 217 14.85 -13.65 -6.75
CA MET A 217 16.29 -13.45 -6.72
C MET A 217 17.03 -14.78 -6.79
N GLU A 218 16.60 -15.76 -6.00
CA GLU A 218 17.42 -16.96 -5.87
C GLU A 218 17.33 -17.89 -7.08
N TRP A 219 16.52 -17.56 -8.09
CA TRP A 219 16.49 -18.32 -9.33
C TRP A 219 16.93 -17.50 -10.54
N THR A 220 17.37 -16.26 -10.35
CA THR A 220 17.72 -15.36 -11.46
C THR A 220 19.22 -15.10 -11.46
N ALA A 221 19.83 -15.25 -12.64
CA ALA A 221 21.25 -14.99 -12.78
C ALA A 221 21.54 -13.50 -12.61
N ALA A 222 22.72 -13.20 -12.06
CA ALA A 222 23.00 -11.85 -11.59
C ALA A 222 22.85 -10.82 -12.69
N ARG A 223 23.16 -11.18 -13.93
CA ARG A 223 23.08 -10.21 -15.01
C ARG A 223 21.68 -9.64 -15.14
N ALA A 224 20.65 -10.41 -14.80
CA ALA A 224 19.26 -9.99 -14.97
C ALA A 224 18.60 -9.50 -13.69
N ARG A 225 19.32 -9.51 -12.57
CA ARG A 225 18.68 -9.27 -11.28
C ARG A 225 18.08 -7.87 -11.16
N PRO A 226 18.78 -6.78 -11.53
CA PRO A 226 18.13 -5.46 -11.42
C PRO A 226 16.84 -5.37 -12.21
N LEU A 227 16.80 -5.96 -13.40
CA LEU A 227 15.61 -5.91 -14.25
C LEU A 227 14.43 -6.63 -13.59
N VAL A 228 14.70 -7.77 -12.98
CA VAL A 228 13.61 -8.54 -12.37
C VAL A 228 13.07 -7.81 -11.15
N MET A 229 13.95 -7.18 -10.37
CA MET A 229 13.44 -6.35 -9.28
C MET A 229 12.61 -5.18 -9.82
N THR A 230 13.02 -4.60 -10.95
CA THR A 230 12.26 -3.50 -11.55
C THR A 230 10.87 -3.96 -12.00
N LEU A 231 10.79 -5.14 -12.61
CA LEU A 231 9.48 -5.68 -12.99
C LEU A 231 8.62 -5.93 -11.76
N ASN A 232 9.23 -6.45 -10.69
CA ASN A 232 8.50 -6.59 -9.44
C ASN A 232 7.92 -5.27 -9.01
N SER A 233 8.67 -4.18 -9.22
CA SER A 233 8.15 -2.86 -8.83
C SER A 233 7.04 -2.39 -9.76
N LEU A 234 7.07 -2.80 -11.03
CA LEU A 234 5.99 -2.41 -11.95
C LEU A 234 4.69 -3.14 -11.64
N GLY A 235 4.78 -4.29 -10.97
CA GLY A 235 3.57 -4.97 -10.57
C GLY A 235 2.61 -4.07 -9.82
N PHE A 236 3.11 -3.30 -8.86
CA PHE A 236 2.28 -2.38 -8.09
C PHE A 236 1.71 -1.28 -8.97
N SER A 237 2.52 -0.76 -9.90
CA SER A 237 2.04 0.25 -10.83
C SER A 237 0.79 -0.24 -11.55
N PHE A 238 0.86 -1.44 -12.12
CA PHE A 238 -0.33 -1.97 -12.80
C PHE A 238 -1.43 -2.29 -11.80
N GLY A 239 -1.08 -2.57 -10.55
CA GLY A 239 -2.09 -2.82 -9.55
C GLY A 239 -3.00 -1.62 -9.34
N HIS A 240 -2.45 -0.42 -9.46
CA HIS A 240 -3.30 0.77 -9.30
C HIS A 240 -4.35 0.86 -10.41
N GLY A 241 -3.92 0.71 -11.67
CA GLY A 241 -4.87 0.68 -12.76
C GLY A 241 -5.91 -0.42 -12.58
N LEU A 242 -5.47 -1.58 -12.10
CA LEU A 242 -6.40 -2.69 -11.89
C LEU A 242 -7.41 -2.37 -10.80
N THR A 243 -6.97 -1.69 -9.75
CA THR A 243 -7.91 -1.29 -8.69
C THR A 243 -8.97 -0.38 -9.27
N ALA A 244 -8.56 0.62 -10.05
CA ALA A 244 -9.55 1.49 -10.65
C ALA A 244 -10.50 0.71 -11.56
N ALA A 245 -9.95 -0.22 -12.35
CA ALA A 245 -10.76 -0.96 -13.30
C ALA A 245 -11.80 -1.82 -12.59
N VAL A 246 -11.38 -2.56 -11.57
CA VAL A 246 -12.31 -3.46 -10.88
C VAL A 246 -13.33 -2.65 -10.09
N ALA A 247 -12.86 -1.62 -9.36
CA ALA A 247 -13.78 -0.85 -8.53
C ALA A 247 -14.75 -0.01 -9.33
N TYR A 248 -14.45 0.28 -10.60
CA TYR A 248 -15.40 1.03 -11.41
C TYR A 248 -16.62 0.19 -11.73
N GLY A 249 -16.43 -1.11 -11.92
CA GLY A 249 -17.54 -1.99 -12.26
C GLY A 249 -18.30 -2.53 -11.06
N VAL A 250 -17.59 -2.78 -9.97
CA VAL A 250 -18.18 -3.45 -8.79
C VAL A 250 -18.34 -2.37 -7.73
N ARG A 251 -19.57 -1.88 -7.58
CA ARG A 251 -19.86 -0.76 -6.70
C ARG A 251 -20.35 -1.18 -5.32
N ASP A 252 -20.21 -2.45 -4.96
CA ASP A 252 -20.70 -2.95 -3.68
C ASP A 252 -19.53 -3.56 -2.91
N TRP A 253 -19.31 -3.08 -1.68
CA TRP A 253 -18.06 -3.39 -0.98
C TRP A 253 -17.93 -4.88 -0.71
N THR A 254 -19.01 -5.56 -0.35
CA THR A 254 -18.93 -6.99 -0.11
C THR A 254 -18.44 -7.71 -1.36
N LEU A 255 -19.10 -7.45 -2.50
CA LEU A 255 -18.72 -8.11 -3.74
C LEU A 255 -17.34 -7.66 -4.20
N LEU A 256 -16.96 -6.41 -3.92
CA LEU A 256 -15.64 -5.91 -4.32
C LEU A 256 -14.53 -6.64 -3.58
N GLN A 257 -14.64 -6.71 -2.25
CA GLN A 257 -13.64 -7.41 -1.45
C GLN A 257 -13.59 -8.89 -1.83
N LEU A 258 -14.75 -9.50 -2.07
CA LEU A 258 -14.77 -10.91 -2.50
C LEU A 258 -14.08 -11.09 -3.86
N VAL A 259 -14.35 -10.18 -4.79
CA VAL A 259 -13.82 -10.31 -6.14
C VAL A 259 -12.31 -10.17 -6.13
N VAL A 260 -11.78 -9.27 -5.30
CA VAL A 260 -10.32 -9.17 -5.24
C VAL A 260 -9.69 -10.23 -4.35
N SER A 261 -10.48 -10.97 -3.58
CA SER A 261 -9.89 -12.07 -2.82
C SER A 261 -9.86 -13.38 -3.59
N VAL A 262 -10.87 -13.67 -4.41
CA VAL A 262 -11.01 -14.98 -5.04
C VAL A 262 -9.78 -15.38 -5.86
N PRO A 263 -9.12 -14.46 -6.57
CA PRO A 263 -7.93 -14.85 -7.36
C PRO A 263 -6.85 -15.60 -6.59
N PHE A 264 -6.77 -15.39 -5.27
CA PHE A 264 -5.66 -15.97 -4.54
C PHE A 264 -5.84 -17.46 -4.30
N PHE A 265 -7.04 -18.00 -4.50
CA PHE A 265 -7.15 -19.45 -4.57
C PHE A 265 -6.40 -20.00 -5.78
N LEU A 266 -6.47 -19.32 -6.92
CA LEU A 266 -5.71 -19.74 -8.09
C LEU A 266 -4.22 -19.57 -7.87
N CYS A 267 -3.82 -18.46 -7.23
CA CYS A 267 -2.41 -18.29 -6.92
C CYS A 267 -1.91 -19.41 -6.00
N PHE A 268 -2.70 -19.74 -4.98
CA PHE A 268 -2.37 -20.86 -4.09
C PHE A 268 -2.19 -22.13 -4.88
N LEU A 269 -3.10 -22.41 -5.81
CA LEU A 269 -3.02 -23.67 -6.54
C LEU A 269 -1.76 -23.73 -7.41
N TYR A 270 -1.47 -22.67 -8.17
CA TYR A 270 -0.31 -22.81 -9.06
C TYR A 270 1.00 -22.59 -8.33
N SER A 271 0.99 -22.14 -7.08
CA SER A 271 2.26 -22.07 -6.35
C SER A 271 2.81 -23.44 -5.99
N TRP A 272 2.02 -24.52 -6.15
CA TRP A 272 2.57 -25.84 -5.89
C TRP A 272 3.45 -26.34 -7.02
N TRP A 273 3.34 -25.75 -8.21
CA TRP A 273 4.17 -26.15 -9.33
C TRP A 273 5.48 -25.36 -9.41
N LEU A 274 5.65 -24.32 -8.61
CA LEU A 274 6.92 -23.62 -8.53
C LEU A 274 7.94 -24.50 -7.81
N PRO A 275 9.23 -24.42 -8.17
CA PRO A 275 10.25 -25.13 -7.40
C PRO A 275 10.73 -24.32 -6.20
N GLU A 276 11.07 -25.05 -5.14
CA GLU A 276 11.64 -24.43 -3.95
C GLU A 276 13.08 -24.01 -4.22
N SER A 277 13.52 -22.98 -3.51
CA SER A 277 14.81 -22.36 -3.82
C SER A 277 15.93 -23.37 -3.64
N ALA A 278 16.78 -23.48 -4.67
CA ALA A 278 17.88 -24.41 -4.60
C ALA A 278 18.96 -23.97 -3.63
N ARG A 279 19.22 -22.66 -3.53
CA ARG A 279 20.17 -22.17 -2.52
C ARG A 279 19.72 -22.56 -1.12
N TRP A 280 18.46 -22.29 -0.80
CA TRP A 280 17.96 -22.62 0.53
C TRP A 280 18.05 -24.12 0.80
N LEU A 281 17.69 -24.93 -0.20
CA LEU A 281 17.72 -26.37 0.00
C LEU A 281 19.14 -26.86 0.27
N ILE A 282 20.12 -26.32 -0.43
CA ILE A 282 21.49 -26.79 -0.18
C ILE A 282 22.01 -26.24 1.15
N ILE A 283 21.71 -24.98 1.46
CA ILE A 283 22.18 -24.38 2.71
C ILE A 283 21.61 -25.13 3.91
N LYS A 284 20.36 -25.56 3.81
CA LYS A 284 19.74 -26.35 4.87
C LYS A 284 20.10 -27.83 4.78
N GLY A 285 21.06 -28.20 3.94
CA GLY A 285 21.60 -29.55 3.98
C GLY A 285 20.82 -30.61 3.22
N LYS A 286 20.08 -30.23 2.19
CA LYS A 286 19.29 -31.18 1.39
C LYS A 286 19.66 -31.05 -0.08
N PRO A 287 20.91 -31.37 -0.43
CA PRO A 287 21.30 -31.26 -1.85
C PRO A 287 20.62 -32.29 -2.73
N ASP A 288 20.21 -33.44 -2.18
CA ASP A 288 19.54 -34.44 -3.01
C ASP A 288 18.19 -33.94 -3.50
N GLN A 289 17.50 -33.12 -2.70
CA GLN A 289 16.26 -32.49 -3.15
C GLN A 289 16.52 -31.31 -4.08
N ALA A 290 17.57 -30.54 -3.79
CA ALA A 290 17.93 -29.41 -4.64
C ALA A 290 18.27 -29.89 -6.04
N LEU A 291 18.89 -31.07 -6.15
CA LEU A 291 19.19 -31.63 -7.46
C LEU A 291 17.92 -31.85 -8.26
N GLN A 292 16.86 -32.34 -7.60
CA GLN A 292 15.59 -32.53 -8.29
C GLN A 292 15.02 -31.20 -8.76
N GLU A 293 15.10 -30.16 -7.92
CA GLU A 293 14.59 -28.87 -8.37
C GLU A 293 15.37 -28.36 -9.57
N LEU A 294 16.69 -28.48 -9.55
CA LEU A 294 17.50 -27.99 -10.65
C LEU A 294 17.18 -28.73 -11.95
N ARG A 295 17.03 -30.05 -11.87
CA ARG A 295 16.71 -30.80 -13.08
C ARG A 295 15.29 -30.52 -13.55
N LYS A 296 14.37 -30.18 -12.63
CA LYS A 296 13.03 -29.77 -13.03
C LYS A 296 13.07 -28.50 -13.86
N VAL A 297 13.80 -27.49 -13.37
CA VAL A 297 13.92 -26.25 -14.13
C VAL A 297 14.61 -26.51 -15.46
N ALA A 298 15.64 -27.34 -15.47
CA ALA A 298 16.32 -27.66 -16.72
C ALA A 298 15.36 -28.31 -17.70
N ARG A 299 14.48 -29.20 -17.21
CA ARG A 299 13.49 -29.80 -18.09
C ARG A 299 12.62 -28.73 -18.71
N ILE A 300 12.24 -27.72 -17.93
CA ILE A 300 11.41 -26.66 -18.49
C ILE A 300 12.19 -25.88 -19.55
N ASN A 301 13.44 -25.54 -19.26
CA ASN A 301 14.23 -24.74 -20.20
C ASN A 301 14.71 -25.55 -21.41
N GLY A 302 14.81 -26.87 -21.29
CA GLY A 302 15.28 -27.69 -22.38
C GLY A 302 16.74 -28.08 -22.32
N HIS A 303 17.43 -27.80 -21.22
CA HIS A 303 18.86 -28.07 -21.10
C HIS A 303 19.07 -29.53 -20.76
N LYS A 304 19.22 -30.36 -21.79
CA LYS A 304 19.54 -31.77 -21.58
C LYS A 304 20.89 -31.95 -20.89
N GLU A 305 21.75 -30.92 -20.93
CA GLU A 305 23.08 -31.03 -20.35
C GLU A 305 23.04 -31.19 -18.84
N ALA A 306 21.87 -30.97 -18.21
CA ALA A 306 21.75 -31.15 -16.77
C ALA A 306 22.07 -32.57 -16.32
N LYS A 307 22.26 -33.51 -17.26
CA LYS A 307 22.72 -34.84 -16.92
C LYS A 307 24.05 -34.82 -16.20
N ASN A 308 24.78 -33.70 -16.28
CA ASN A 308 26.07 -33.55 -15.62
C ASN A 308 25.96 -33.41 -14.10
N LEU A 309 24.79 -33.05 -13.59
CA LEU A 309 24.65 -32.68 -12.18
C LEU A 309 24.64 -33.91 -11.27
N THR A 310 25.26 -33.76 -10.09
CA THR A 310 25.18 -34.74 -9.00
C THR A 310 25.23 -33.99 -7.68
N ILE A 311 24.87 -34.67 -6.59
CA ILE A 311 24.93 -34.01 -5.28
C ILE A 311 26.37 -33.62 -4.97
N GLU A 312 27.35 -34.36 -5.51
CA GLU A 312 28.73 -33.96 -5.31
C GLU A 312 29.03 -32.64 -5.97
N VAL A 313 28.53 -32.44 -7.20
CA VAL A 313 28.73 -31.16 -7.89
C VAL A 313 28.12 -30.03 -7.07
N LEU A 314 26.89 -30.23 -6.59
CA LEU A 314 26.21 -29.20 -5.81
C LEU A 314 26.97 -28.86 -4.55
N MET A 315 27.35 -29.88 -3.78
CA MET A 315 28.03 -29.63 -2.52
C MET A 315 29.40 -29.02 -2.73
N SER A 316 30.07 -29.35 -3.82
CA SER A 316 31.36 -28.73 -4.09
C SER A 316 31.20 -27.27 -4.49
N SER A 317 30.16 -26.95 -5.27
CA SER A 317 30.07 -25.62 -5.87
C SER A 317 29.27 -24.62 -5.03
N VAL A 318 28.55 -25.06 -4.00
CA VAL A 318 27.69 -24.18 -3.21
C VAL A 318 28.18 -24.00 -1.77
N LYS A 319 29.36 -24.56 -1.46
CA LYS A 319 29.93 -24.40 -0.14
C LYS A 319 30.14 -22.92 0.22
N GLU A 320 30.45 -22.09 -0.77
CA GLU A 320 30.69 -20.68 -0.49
C GLU A 320 29.41 -19.99 -0.01
N GLU A 321 28.25 -20.48 -0.45
CA GLU A 321 27.00 -19.99 0.11
C GLU A 321 26.80 -20.53 1.52
N VAL A 322 27.13 -21.80 1.73
CA VAL A 322 26.92 -22.36 3.07
C VAL A 322 27.76 -21.63 4.09
N ALA A 323 28.94 -21.12 3.70
CA ALA A 323 29.86 -20.48 4.62
C ALA A 323 29.30 -19.22 5.27
N SER A 324 28.14 -18.72 4.82
CA SER A 324 27.60 -17.48 5.37
C SER A 324 27.27 -17.60 6.85
N ALA A 325 27.19 -18.83 7.38
CA ALA A 325 26.89 -19.01 8.79
C ALA A 325 27.97 -18.45 9.70
N LYS A 326 29.14 -18.09 9.15
CA LYS A 326 30.26 -17.72 10.00
C LYS A 326 30.08 -16.35 10.65
N GLU A 327 29.30 -15.45 10.04
CA GLU A 327 29.35 -14.02 10.35
C GLU A 327 27.96 -13.46 10.69
N PRO A 328 27.50 -13.64 11.92
CA PRO A 328 26.24 -13.00 12.34
C PRO A 328 26.41 -11.53 12.67
N ARG A 329 25.30 -10.79 12.57
CA ARG A 329 25.28 -9.36 12.88
C ARG A 329 23.90 -8.98 13.42
N SER A 330 23.81 -7.78 13.99
CA SER A 330 22.59 -7.30 14.63
C SER A 330 22.40 -5.81 14.39
N VAL A 331 21.15 -5.36 14.54
CA VAL A 331 20.78 -3.98 14.20
C VAL A 331 21.59 -2.98 15.02
N LEU A 332 21.93 -3.33 16.26
CA LEU A 332 22.70 -2.39 17.07
C LEU A 332 24.08 -2.14 16.50
N ASP A 333 24.64 -3.09 15.75
CA ASP A 333 25.95 -2.88 15.14
C ASP A 333 25.95 -1.65 14.26
N LEU A 334 24.82 -1.35 13.59
CA LEU A 334 24.76 -0.18 12.73
C LEU A 334 25.03 1.09 13.51
N PHE A 335 24.52 1.16 14.74
CA PHE A 335 24.62 2.38 15.54
C PHE A 335 25.91 2.44 16.35
N CYS A 336 26.58 1.31 16.59
CA CYS A 336 27.82 1.34 17.36
C CYS A 336 28.99 1.84 16.53
N VAL A 337 29.11 1.38 15.29
CA VAL A 337 30.29 1.69 14.48
C VAL A 337 30.27 3.18 14.17
N PRO A 338 31.28 3.95 14.57
CA PRO A 338 31.17 5.42 14.49
C PRO A 338 30.85 5.96 13.10
N GLY A 339 31.37 5.35 12.04
CA GLY A 339 31.12 5.88 10.71
C GLY A 339 29.74 5.58 10.17
N LEU A 340 29.13 4.48 10.63
CA LEU A 340 27.87 4.03 10.08
C LEU A 340 26.65 4.62 10.79
N ARG A 341 26.83 5.24 11.96
CA ARG A 341 25.70 5.77 12.72
C ARG A 341 24.95 6.83 11.93
N PHE A 342 25.68 7.78 11.34
CA PHE A 342 25.08 8.90 10.63
C PHE A 342 24.37 8.45 9.35
N ARG A 343 25.02 7.57 8.59
CA ARG A 343 24.39 6.99 7.41
C ARG A 343 23.11 6.26 7.80
N THR A 344 23.15 5.51 8.91
CA THR A 344 21.98 4.75 9.32
C THR A 344 20.82 5.69 9.64
N CYS A 345 21.09 6.77 10.38
CA CYS A 345 20.00 7.68 10.71
C CYS A 345 19.35 8.22 9.43
N ILE A 346 20.16 8.77 8.52
CA ILE A 346 19.56 9.43 7.36
C ILE A 346 18.83 8.44 6.46
N SER A 347 19.44 7.26 6.24
CA SER A 347 18.83 6.24 5.40
C SER A 347 17.49 5.78 5.97
N THR A 348 17.45 5.51 7.27
CA THR A 348 16.21 5.07 7.90
C THR A 348 15.15 6.14 7.79
N LEU A 349 15.54 7.40 7.96
CA LEU A 349 14.57 8.50 7.84
C LEU A 349 13.96 8.54 6.45
N CYS A 350 14.78 8.28 5.42
CA CYS A 350 14.23 8.30 4.06
C CYS A 350 13.24 7.15 3.83
N TRP A 351 13.57 5.94 4.31
CA TRP A 351 12.61 4.84 4.20
C TRP A 351 11.29 5.20 4.90
N PHE A 352 11.41 5.73 6.13
CA PHE A 352 10.23 6.16 6.87
C PHE A 352 9.39 7.09 6.02
N ALA A 353 10.04 8.14 5.48
CA ALA A 353 9.29 9.14 4.74
C ALA A 353 8.52 8.51 3.58
N PHE A 354 9.13 7.56 2.86
CA PHE A 354 8.34 6.90 1.81
C PHE A 354 7.06 6.33 2.40
N GLY A 355 7.20 5.45 3.38
CA GLY A 355 6.01 4.75 3.86
C GLY A 355 4.97 5.71 4.40
N PHE A 356 5.40 6.64 5.25
CA PHE A 356 4.51 7.58 5.90
C PHE A 356 3.74 8.39 4.85
N THR A 357 4.45 8.99 3.89
CA THR A 357 3.78 9.87 2.94
C THR A 357 2.86 9.08 2.01
N PHE A 358 3.33 7.97 1.46
CA PHE A 358 2.52 7.25 0.48
C PHE A 358 1.24 6.73 1.11
N PHE A 359 1.35 6.03 2.24
CA PHE A 359 0.12 5.50 2.81
C PHE A 359 -0.66 6.54 3.60
N GLY A 360 -0.11 7.74 3.77
CA GLY A 360 -0.93 8.85 4.21
C GLY A 360 -1.84 9.34 3.11
N LEU A 361 -1.29 9.60 1.93
CA LEU A 361 -2.06 10.25 0.88
C LEU A 361 -2.85 9.28 0.03
N ALA A 362 -2.24 8.16 -0.37
CA ALA A 362 -2.86 7.27 -1.34
C ALA A 362 -4.10 6.57 -0.79
N LEU A 363 -4.46 6.78 0.47
CA LEU A 363 -5.64 6.14 1.05
C LEU A 363 -6.75 7.13 1.36
N ASP A 364 -6.64 8.38 0.93
CA ASP A 364 -7.77 9.31 0.96
C ASP A 364 -7.81 10.13 -0.32
N LEU A 365 -7.81 9.46 -1.47
CA LEU A 365 -7.94 10.15 -2.74
C LEU A 365 -9.24 10.96 -2.82
N GLN A 366 -10.25 10.60 -2.02
CA GLN A 366 -11.51 11.35 -2.05
C GLN A 366 -11.33 12.78 -1.60
N ALA A 367 -10.25 13.09 -0.88
CA ALA A 367 -9.96 14.46 -0.49
C ALA A 367 -9.12 15.21 -1.51
N LEU A 368 -8.40 14.49 -2.38
CA LEU A 368 -7.47 15.12 -3.30
C LEU A 368 -8.10 15.58 -4.61
N GLY A 369 -9.35 15.20 -4.88
CA GLY A 369 -9.98 15.60 -6.12
C GLY A 369 -11.39 15.08 -6.21
N SER A 370 -12.00 15.34 -7.38
CA SER A 370 -13.43 15.10 -7.54
C SER A 370 -13.78 13.74 -8.13
N ASN A 371 -12.81 12.98 -8.64
CA ASN A 371 -13.10 11.69 -9.29
C ASN A 371 -12.03 10.70 -8.86
N ILE A 372 -12.37 9.78 -7.97
CA ILE A 372 -11.35 8.89 -7.42
C ILE A 372 -10.99 7.76 -8.36
N PHE A 373 -11.84 7.42 -9.33
CA PHE A 373 -11.46 6.40 -10.29
C PHE A 373 -10.30 6.89 -11.16
N LEU A 374 -10.41 8.12 -11.68
CA LEU A 374 -9.34 8.67 -12.50
C LEU A 374 -8.09 8.94 -11.66
N LEU A 375 -8.25 9.36 -10.41
CA LEU A 375 -7.09 9.56 -9.54
C LEU A 375 -6.35 8.25 -9.30
N GLN A 376 -7.11 7.18 -8.99
CA GLN A 376 -6.50 5.89 -8.73
C GLN A 376 -5.82 5.35 -9.99
N MET A 377 -6.39 5.64 -11.16
CA MET A 377 -5.74 5.26 -12.41
C MET A 377 -4.46 6.05 -12.64
N PHE A 378 -4.52 7.37 -12.45
CA PHE A 378 -3.39 8.21 -12.81
C PHE A 378 -2.22 8.02 -11.87
N ILE A 379 -2.45 7.65 -10.61
CA ILE A 379 -1.29 7.40 -9.75
C ILE A 379 -0.58 6.10 -10.13
N GLY A 380 -1.12 5.32 -11.05
CA GLY A 380 -0.38 4.26 -11.72
C GLY A 380 0.31 4.76 -12.97
N VAL A 381 -0.49 5.45 -13.79
CA VAL A 381 -0.02 5.86 -15.10
C VAL A 381 1.19 6.78 -14.98
N VAL A 382 1.17 7.68 -14.00
CA VAL A 382 2.29 8.59 -13.78
C VAL A 382 3.40 7.88 -13.04
N ASP A 383 3.07 6.85 -12.25
CA ASP A 383 4.09 6.15 -11.49
C ASP A 383 5.03 5.36 -12.40
N ILE A 384 4.55 4.92 -13.56
CA ILE A 384 5.43 4.16 -14.45
C ILE A 384 6.60 5.02 -14.91
N PRO A 385 6.37 6.16 -15.58
CA PRO A 385 7.52 6.99 -15.98
C PRO A 385 8.31 7.51 -14.80
N ALA A 386 7.71 7.66 -13.63
CA ALA A 386 8.49 8.09 -12.47
C ALA A 386 9.55 7.05 -12.11
N LYS A 387 9.14 5.78 -12.01
CA LYS A 387 10.09 4.74 -11.68
C LYS A 387 11.17 4.60 -12.76
N MET A 388 10.75 4.59 -14.03
CA MET A 388 11.74 4.45 -15.11
C MET A 388 12.70 5.65 -15.16
N GLY A 389 12.17 6.86 -15.01
CA GLY A 389 13.01 8.03 -14.98
C GLY A 389 13.97 8.05 -13.81
N ALA A 390 13.53 7.50 -12.68
CA ALA A 390 14.45 7.33 -11.56
C ALA A 390 15.61 6.44 -11.97
N LEU A 391 15.33 5.35 -12.67
CA LEU A 391 16.43 4.49 -13.06
C LEU A 391 17.38 5.18 -14.04
N LEU A 392 16.85 6.04 -14.92
CA LEU A 392 17.75 6.77 -15.82
C LEU A 392 18.60 7.78 -15.05
N LEU A 393 17.96 8.64 -14.26
CA LEU A 393 18.70 9.71 -13.58
C LEU A 393 19.68 9.14 -12.56
N LEU A 394 19.30 8.06 -11.88
CA LEU A 394 20.17 7.41 -10.92
C LEU A 394 21.43 6.86 -11.59
N SER A 395 21.41 6.71 -12.91
CA SER A 395 22.60 6.30 -13.64
C SER A 395 23.38 7.49 -14.15
N HIS A 396 22.69 8.55 -14.60
CA HIS A 396 23.43 9.69 -15.13
C HIS A 396 23.95 10.60 -14.04
N LEU A 397 23.20 10.77 -12.95
CA LEU A 397 23.49 11.81 -11.97
C LEU A 397 23.98 11.30 -10.63
N GLY A 398 24.03 9.99 -10.42
CA GLY A 398 24.40 9.44 -9.14
C GLY A 398 23.20 9.31 -8.22
N ARG A 399 23.43 8.61 -7.10
CA ARG A 399 22.32 8.32 -6.20
C ARG A 399 21.88 9.55 -5.41
N ARG A 400 22.84 10.35 -4.94
CA ARG A 400 22.52 11.40 -3.97
C ARG A 400 21.57 12.44 -4.53
N PRO A 401 21.88 13.11 -5.65
CA PRO A 401 20.95 14.14 -6.14
C PRO A 401 19.65 13.56 -6.63
N THR A 402 19.64 12.33 -7.13
CA THR A 402 18.37 11.76 -7.57
C THR A 402 17.44 11.52 -6.39
N LEU A 403 17.94 10.92 -5.30
CA LEU A 403 17.11 10.74 -4.13
C LEU A 403 16.64 12.08 -3.57
N ALA A 404 17.57 13.03 -3.45
CA ALA A 404 17.23 14.32 -2.85
C ALA A 404 16.17 15.04 -3.69
N ALA A 405 16.39 15.12 -5.00
CA ALA A 405 15.45 15.83 -5.86
C ALA A 405 14.13 15.11 -5.95
N SER A 406 14.12 13.77 -5.89
CA SER A 406 12.86 13.06 -5.91
C SER A 406 12.03 13.37 -4.67
N LEU A 407 12.64 13.31 -3.49
CA LEU A 407 11.88 13.59 -2.28
C LEU A 407 11.48 15.06 -2.21
N LEU A 408 12.34 15.97 -2.67
CA LEU A 408 11.98 17.38 -2.66
C LEU A 408 10.85 17.68 -3.63
N LEU A 409 10.86 17.04 -4.81
CA LEU A 409 9.73 17.16 -5.73
C LEU A 409 8.44 16.74 -5.04
N ALA A 410 8.46 15.56 -4.40
CA ALA A 410 7.27 15.08 -3.72
C ALA A 410 6.78 16.08 -2.68
N GLY A 411 7.69 16.52 -1.81
CA GLY A 411 7.30 17.37 -0.71
C GLY A 411 6.79 18.72 -1.17
N LEU A 412 7.47 19.33 -2.16
CA LEU A 412 7.03 20.64 -2.60
C LEU A 412 5.71 20.57 -3.34
N CYS A 413 5.43 19.48 -4.06
CA CYS A 413 4.11 19.34 -4.67
C CYS A 413 3.04 19.21 -3.59
N ILE A 414 3.26 18.34 -2.61
CA ILE A 414 2.24 18.12 -1.60
C ILE A 414 1.99 19.40 -0.80
N LEU A 415 3.06 20.16 -0.54
CA LEU A 415 2.89 21.45 0.16
C LEU A 415 2.15 22.46 -0.71
N ALA A 416 2.47 22.52 -2.01
CA ALA A 416 1.76 23.43 -2.88
C ALA A 416 0.28 23.11 -2.93
N ASN A 417 -0.05 21.83 -2.70
CA ASN A 417 -1.45 21.44 -2.68
C ASN A 417 -2.20 22.04 -1.49
N THR A 418 -1.51 22.67 -0.54
CA THR A 418 -2.20 23.42 0.51
C THR A 418 -2.58 24.83 0.08
N LEU A 419 -1.89 25.39 -0.91
CA LEU A 419 -2.06 26.79 -1.29
C LEU A 419 -3.05 26.98 -2.43
N VAL A 420 -3.11 26.05 -3.37
CA VAL A 420 -4.02 26.13 -4.51
C VAL A 420 -5.46 26.06 -3.98
N PRO A 421 -6.32 27.02 -4.31
CA PRO A 421 -7.66 27.04 -3.69
C PRO A 421 -8.50 25.85 -4.13
N HIS A 422 -9.42 25.46 -3.24
CA HIS A 422 -10.20 24.24 -3.42
C HIS A 422 -11.09 24.31 -4.66
N GLU A 423 -11.30 25.49 -5.21
CA GLU A 423 -12.07 25.61 -6.45
C GLU A 423 -11.40 24.88 -7.60
N MET A 424 -10.06 24.90 -7.62
CA MET A 424 -9.29 24.42 -8.77
C MET A 424 -8.99 22.92 -8.64
N GLY A 425 -10.05 22.12 -8.73
CA GLY A 425 -9.90 20.69 -8.52
C GLY A 425 -8.93 20.04 -9.47
N ALA A 426 -8.88 20.50 -10.72
CA ALA A 426 -8.00 19.87 -11.71
C ALA A 426 -6.53 20.05 -11.31
N LEU A 427 -6.15 21.29 -10.99
CA LEU A 427 -4.77 21.55 -10.62
C LEU A 427 -4.40 20.85 -9.31
N ARG A 428 -5.33 20.82 -8.36
CA ARG A 428 -5.07 20.11 -7.12
C ARG A 428 -4.87 18.62 -7.37
N SER A 429 -5.67 18.03 -8.25
CA SER A 429 -5.48 16.63 -8.63
C SER A 429 -4.11 16.42 -9.24
N ALA A 430 -3.71 17.31 -10.15
CA ALA A 430 -2.43 17.16 -10.83
C ALA A 430 -1.28 17.21 -9.83
N LEU A 431 -1.33 18.18 -8.91
CA LEU A 431 -0.25 18.29 -7.94
C LEU A 431 -0.22 17.08 -7.03
N ALA A 432 -1.39 16.55 -6.65
CA ALA A 432 -1.40 15.35 -5.83
C ALA A 432 -0.75 14.18 -6.55
N VAL A 433 -1.12 13.99 -7.83
CA VAL A 433 -0.59 12.84 -8.57
C VAL A 433 0.91 12.96 -8.73
N LEU A 434 1.41 14.16 -9.05
CA LEU A 434 2.85 14.34 -9.20
C LEU A 434 3.57 14.16 -7.87
N GLY A 435 2.97 14.64 -6.78
CA GLY A 435 3.56 14.45 -5.47
C GLY A 435 3.72 12.99 -5.12
N LEU A 436 2.74 12.17 -5.51
CA LEU A 436 2.84 10.73 -5.25
C LEU A 436 3.86 10.06 -6.18
N GLY A 437 3.93 10.52 -7.43
CA GLY A 437 4.94 10.01 -8.33
C GLY A 437 6.35 10.23 -7.81
N GLY A 438 6.60 11.41 -7.23
CA GLY A 438 7.90 11.66 -6.66
C GLY A 438 8.24 10.67 -5.56
N VAL A 439 7.24 10.29 -4.75
CA VAL A 439 7.49 9.36 -3.66
C VAL A 439 7.80 7.97 -4.20
N GLY A 440 7.14 7.56 -5.28
CA GLY A 440 7.50 6.29 -5.89
C GLY A 440 8.93 6.29 -6.41
N ALA A 441 9.31 7.35 -7.11
CA ALA A 441 10.69 7.45 -7.59
C ALA A 441 11.68 7.41 -6.42
N ALA A 442 11.32 8.05 -5.31
CA ALA A 442 12.17 8.02 -4.12
C ALA A 442 12.29 6.61 -3.57
N PHE A 443 11.21 5.83 -3.65
CA PHE A 443 11.29 4.44 -3.21
C PHE A 443 12.34 3.69 -4.02
N THR A 444 12.30 3.86 -5.34
CA THR A 444 13.32 3.21 -6.17
C THR A 444 14.73 3.64 -5.74
N CYS A 445 14.92 4.96 -5.59
CA CYS A 445 16.25 5.47 -5.25
C CYS A 445 16.74 4.88 -3.93
N ILE A 446 15.91 4.94 -2.88
CA ILE A 446 16.41 4.56 -1.57
C ILE A 446 16.59 3.05 -1.49
N THR A 447 15.78 2.28 -2.21
CA THR A 447 16.04 0.85 -2.28
C THR A 447 17.45 0.59 -2.80
N ILE A 448 17.82 1.25 -3.90
CA ILE A 448 19.16 1.00 -4.46
C ILE A 448 20.25 1.57 -3.55
N TYR A 449 20.06 2.80 -3.09
CA TYR A 449 21.09 3.52 -2.36
C TYR A 449 21.42 2.85 -1.05
N SER A 450 20.41 2.35 -0.33
CA SER A 450 20.67 1.68 0.93
C SER A 450 21.45 0.39 0.75
N SER A 451 21.46 -0.18 -0.44
CA SER A 451 22.25 -1.37 -0.73
C SER A 451 23.69 -1.06 -1.05
N GLU A 452 24.10 0.21 -0.99
CA GLU A 452 25.45 0.63 -1.32
C GLU A 452 26.12 1.42 -0.20
N LEU A 453 25.37 1.97 0.75
CA LEU A 453 25.94 2.80 1.80
C LEU A 453 26.68 2.01 2.86
N PHE A 454 26.65 0.67 2.82
CA PHE A 454 27.09 -0.12 3.95
C PHE A 454 28.04 -1.23 3.54
N PRO A 455 28.90 -1.68 4.45
CA PRO A 455 29.78 -2.82 4.16
C PRO A 455 28.99 -4.11 4.07
N THR A 456 29.56 -5.07 3.34
CA THR A 456 28.74 -6.14 2.79
C THR A 456 28.05 -6.97 3.87
N VAL A 457 28.67 -7.14 5.04
CA VAL A 457 28.02 -7.95 6.07
C VAL A 457 26.89 -7.18 6.76
N LEU A 458 26.89 -5.86 6.72
CA LEU A 458 25.83 -5.06 7.31
C LEU A 458 24.81 -4.56 6.30
N ARG A 459 25.05 -4.79 5.00
CA ARG A 459 24.11 -4.37 3.96
C ARG A 459 22.70 -4.88 4.25
N MET A 460 22.58 -6.19 4.51
CA MET A 460 21.27 -6.80 4.71
C MET A 460 20.59 -6.24 5.96
N THR A 461 21.35 -6.07 7.04
CA THR A 461 20.78 -5.54 8.27
C THR A 461 20.27 -4.12 8.06
N ALA A 462 21.02 -3.30 7.32
CA ALA A 462 20.59 -1.94 7.09
C ALA A 462 19.33 -1.89 6.24
N VAL A 463 19.26 -2.71 5.19
CA VAL A 463 18.05 -2.72 4.38
C VAL A 463 16.87 -3.25 5.18
N GLY A 464 17.12 -4.18 6.09
CA GLY A 464 16.05 -4.69 6.94
C GLY A 464 15.50 -3.62 7.86
N LEU A 465 16.40 -2.88 8.53
CA LEU A 465 15.97 -1.78 9.38
C LEU A 465 15.20 -0.75 8.55
N GLY A 466 15.66 -0.48 7.33
CA GLY A 466 14.96 0.47 6.48
C GLY A 466 13.54 0.01 6.15
N GLN A 467 13.40 -1.26 5.76
CA GLN A 467 12.07 -1.76 5.38
C GLN A 467 11.13 -1.74 6.58
N MET A 468 11.63 -2.13 7.76
CA MET A 468 10.76 -2.11 8.92
C MET A 468 10.42 -0.68 9.32
N ALA A 469 11.32 0.28 9.06
CA ALA A 469 10.99 1.67 9.33
C ALA A 469 9.90 2.16 8.39
N ALA A 470 9.95 1.75 7.12
CA ALA A 470 8.90 2.14 6.19
C ALA A 470 7.56 1.56 6.61
N ARG A 471 7.56 0.27 6.96
CA ARG A 471 6.33 -0.37 7.41
C ARG A 471 5.80 0.30 8.67
N GLY A 472 6.70 0.71 9.57
CA GLY A 472 6.26 1.37 10.78
C GLY A 472 5.70 2.76 10.54
N GLY A 473 6.30 3.52 9.62
CA GLY A 473 5.78 4.84 9.31
C GLY A 473 4.42 4.77 8.67
N ALA A 474 4.19 3.74 7.85
CA ALA A 474 2.88 3.58 7.24
C ALA A 474 1.77 3.49 8.27
N ILE A 475 2.07 2.93 9.45
CA ILE A 475 1.06 2.88 10.51
C ILE A 475 0.63 4.28 10.90
N LEU A 476 1.60 5.18 11.10
CA LEU A 476 1.29 6.54 11.49
C LEU A 476 0.65 7.33 10.36
N GLY A 477 0.81 6.89 9.12
CA GLY A 477 0.21 7.57 8.00
C GLY A 477 -1.24 7.96 8.22
N PRO A 478 -2.14 6.97 8.29
CA PRO A 478 -3.57 7.32 8.44
C PRO A 478 -3.92 8.10 9.69
N LEU A 479 -3.19 7.89 10.79
CA LEU A 479 -3.57 8.54 12.04
C LEU A 479 -3.36 10.05 11.98
N VAL A 480 -2.41 10.52 11.15
CA VAL A 480 -2.20 11.94 10.99
C VAL A 480 -3.40 12.61 10.34
N ARG A 481 -4.24 11.84 9.66
CA ARG A 481 -5.42 12.40 9.02
C ARG A 481 -6.44 12.91 10.03
N LEU A 482 -6.35 12.47 11.29
CA LEU A 482 -7.27 12.95 12.31
C LEU A 482 -7.08 14.42 12.62
N LEU A 483 -5.94 15.00 12.22
CA LEU A 483 -5.71 16.42 12.42
C LEU A 483 -6.58 17.28 11.50
N GLY A 484 -7.30 16.68 10.56
CA GLY A 484 -8.15 17.44 9.65
C GLY A 484 -9.25 18.23 10.34
N VAL A 485 -9.51 17.94 11.61
CA VAL A 485 -10.51 18.70 12.36
C VAL A 485 -10.16 20.18 12.35
N HIS A 486 -8.88 20.51 12.30
CA HIS A 486 -8.39 21.87 12.26
C HIS A 486 -8.29 22.41 10.84
N GLY A 487 -8.87 21.71 9.86
CA GLY A 487 -8.84 22.13 8.49
C GLY A 487 -7.96 21.21 7.67
N PRO A 488 -8.33 20.96 6.40
CA PRO A 488 -7.57 20.00 5.59
C PRO A 488 -6.16 20.47 5.27
N TRP A 489 -5.82 21.73 5.56
CA TRP A 489 -4.47 22.20 5.30
C TRP A 489 -3.44 21.50 6.19
N LEU A 490 -3.84 21.04 7.37
CA LEU A 490 -2.87 20.59 8.36
C LEU A 490 -2.36 19.19 8.06
N PRO A 491 -3.23 18.21 7.79
CA PRO A 491 -2.70 16.91 7.35
C PRO A 491 -1.81 17.02 6.13
N LEU A 492 -2.19 17.87 5.17
CA LEU A 492 -1.37 18.03 3.97
C LEU A 492 -0.04 18.69 4.30
N LEU A 493 -0.05 19.64 5.24
CA LEU A 493 1.21 20.27 5.64
C LEU A 493 2.15 19.26 6.28
N VAL A 494 1.61 18.34 7.07
CA VAL A 494 2.45 17.32 7.71
C VAL A 494 3.00 16.34 6.67
N TYR A 495 2.11 15.82 5.82
CA TYR A 495 2.54 14.89 4.77
C TYR A 495 3.52 15.55 3.82
N GLY A 496 3.45 16.87 3.67
CA GLY A 496 4.36 17.58 2.80
C GLY A 496 5.68 17.87 3.47
N THR A 497 5.65 18.14 4.77
CA THR A 497 6.87 18.50 5.48
C THR A 497 7.80 17.31 5.61
N VAL A 498 7.26 16.13 5.93
CA VAL A 498 8.14 14.99 6.18
C VAL A 498 9.04 14.70 5.00
N PRO A 499 8.54 14.59 3.76
CA PRO A 499 9.47 14.34 2.64
C PRO A 499 10.42 15.49 2.38
N VAL A 500 10.06 16.75 2.65
CA VAL A 500 11.03 17.83 2.46
C VAL A 500 12.18 17.67 3.44
N LEU A 501 11.88 17.45 4.71
CA LEU A 501 12.94 17.33 5.70
C LEU A 501 13.83 16.13 5.40
N SER A 502 13.22 14.98 5.07
CA SER A 502 14.03 13.81 4.77
C SER A 502 14.81 13.99 3.46
N GLY A 503 14.25 14.70 2.49
CA GLY A 503 14.98 14.95 1.26
C GLY A 503 16.17 15.85 1.48
N LEU A 504 16.01 16.88 2.31
CA LEU A 504 17.16 17.72 2.65
C LEU A 504 18.21 16.91 3.40
N ALA A 505 17.78 16.04 4.31
CA ALA A 505 18.74 15.22 5.04
C ALA A 505 19.52 14.33 4.08
N ALA A 506 18.85 13.80 3.05
CA ALA A 506 19.50 12.89 2.12
C ALA A 506 20.68 13.53 1.41
N LEU A 507 20.74 14.87 1.34
CA LEU A 507 21.87 15.53 0.70
C LEU A 507 23.16 15.34 1.48
N LEU A 508 23.08 14.92 2.74
CA LEU A 508 24.26 14.75 3.57
C LEU A 508 24.89 13.36 3.44
N LEU A 509 24.27 12.46 2.69
CA LEU A 509 24.84 11.14 2.47
C LEU A 509 26.02 11.21 1.50
N PRO A 510 26.96 10.27 1.59
CA PRO A 510 28.02 10.20 0.57
C PRO A 510 27.54 9.53 -0.70
N GLU A 511 28.06 10.02 -1.83
CA GLU A 511 27.72 9.45 -3.13
C GLU A 511 28.40 8.08 -3.29
N THR A 512 27.69 7.15 -3.91
CA THR A 512 28.17 5.77 -4.02
C THR A 512 28.31 5.26 -5.45
N GLN A 513 28.01 6.07 -6.47
CA GLN A 513 28.31 5.66 -7.83
C GLN A 513 29.82 5.57 -8.02
N SER A 514 30.25 4.62 -8.86
CA SER A 514 31.68 4.44 -9.11
C SER A 514 32.23 5.67 -9.83
N LEU A 515 33.18 6.34 -9.20
CA LEU A 515 33.74 7.57 -9.73
C LEU A 515 35.26 7.53 -9.70
C1 NAG B . -44.60 7.50 9.80
C2 NAG B . -44.59 7.54 11.33
C3 NAG B . -45.76 6.73 11.87
C4 NAG B . -47.07 7.25 11.29
C5 NAG B . -47.01 7.23 9.77
C6 NAG B . -48.23 7.85 9.13
C7 NAG B . -42.26 7.81 12.03
C8 NAG B . -41.06 7.13 12.62
N2 NAG B . -43.34 7.05 11.87
O3 NAG B . -45.79 6.83 13.29
O4 NAG B . -48.15 6.44 11.74
O5 NAG B . -45.87 7.96 9.30
O6 NAG B . -49.42 7.21 9.55
O7 NAG B . -42.25 8.99 11.71
C1 VGL C . 3.16 3.85 -6.42
C3 VGL C . 2.19 5.83 -6.99
C4 VGL C . 3.04 6.50 -6.14
C2 VGL C . 3.23 2.34 -6.54
C6 VGL C . 4.02 4.53 -5.56
O1 VGL C . 2.93 1.84 -7.64
O2 VGL C . 3.61 1.68 -5.53
N2 VGL C . 2.25 4.49 -7.14
N5 VGL C . 3.96 5.86 -5.42
#